data_1IYW
#
_entry.id   1IYW
#
_cell.length_a   186.562
_cell.length_b   207.328
_cell.length_c   59.235
_cell.angle_alpha   90.00
_cell.angle_beta   90.00
_cell.angle_gamma   90.00
#
_symmetry.space_group_name_H-M   'P 21 21 2'
#
_entity_poly.entity_id   1
_entity_poly.type   'polypeptide(L)'
_entity_poly.pdbx_seq_one_letter_code
;MDLPKAYDPKSVEPKWAEKWAKNPFVANPKSGKPPFVIFMPPPNVTGSLHMGHALDNSLQDALIRYKRMRGFEAVWLPGT
DHAGIATQVVVERLLLKEGKTRHDLGREKFLERVWQWKEESGGTILKQLKRLGASADWSREAFTMDEKRSRAVRYAFSRY
YHEGLAYRAPRLVNWCPRCETTLSDLEVETEPTPGKLYTLRYEVEGGGFIEIATVRPETVFADQAIAVHPEDERYRHLLG
KRARIPLTEVWIPILADPAVEKDFGTGALKVTPAHDPLDYEIGERHGLKPVSVINLEGRMEGERVPEALRGLDRFEARRK
AVELFREAGHLVKEEDYTIALATCSRCGTPIEYAIFPQWWLRMRPLAEEVLKGLRRGDIAFVPERWKKVNMDWLENVKDW
NISRQLWWGHQIPAWYCEDCQAVNVPRPERYLEDPTSCEACGSPRLKRDEDVFDTWFSSALWPLSTLGWPEETEDLKAFY
PGDVLVTGYDILFLWVSRMEVSGYHFMGERPFKTVLLHGLVLDEKGQKMSKSKGNVIDPLEMVERYGADALRFALIYLAT
GGQDIRLDLRWLEMARNFANKLYNAARFVLLSREGFQAKEDTPTLADRFMRSRLSRGVEEITALYEALDLAQAAREVYEL
VWSEFCDWYLEAAKPALKAGNAHTLRTLEEVLAVLLKLLHPMMPFLTSELYQALTGKEELALEAWPEPGGRDEEAERAFE
ALKQAVTAVRALKAEAGLPPAQEVRVYLEGETAPVEENLEVFRFLSRADLLPERPAKALVKAMPRVTARMPLEGLLDVEE
WRRRQEKRLKELLALAERSQRKLASPGFREKAPKEVVEAEEARLKENLEQAERIREALSQIG
;
_entity_poly.pdbx_strand_id   A,B
#
# COMPACT_ATOMS: atom_id res chain seq x y z
CA MET A 1 -67.08 -26.74 -63.09
CA ASP A 2 -66.22 -26.06 -59.45
CA LEU A 3 -66.86 -22.38 -60.22
CA PRO A 4 -65.31 -21.33 -56.91
CA LYS A 5 -65.89 -17.99 -55.20
CA ALA A 6 -62.47 -16.90 -56.48
CA TYR A 7 -60.14 -17.73 -59.37
CA ASP A 8 -56.83 -19.52 -58.91
CA PRO A 9 -54.33 -19.70 -61.79
CA LYS A 10 -52.45 -22.63 -60.32
CA SER A 11 -55.51 -24.83 -59.80
CA VAL A 12 -55.90 -24.20 -63.54
CA GLU A 13 -53.22 -22.89 -65.91
CA PRO A 14 -50.78 -25.77 -65.29
CA LYS A 15 -53.28 -28.38 -66.43
CA TRP A 16 -54.11 -26.82 -69.78
CA ALA A 17 -50.44 -26.07 -70.33
CA GLU A 18 -49.50 -29.75 -70.04
CA LYS A 19 -52.39 -30.61 -72.34
CA TRP A 20 -50.92 -28.48 -75.13
CA ALA A 21 -47.53 -29.90 -74.16
CA LYS A 22 -48.12 -33.56 -74.94
CA ASN A 23 -50.20 -32.86 -78.02
CA PRO A 24 -48.40 -30.36 -80.34
CA PHE A 25 -50.11 -28.12 -82.90
CA VAL A 26 -48.21 -30.05 -85.61
CA ALA A 27 -48.35 -27.79 -88.71
CA ASN A 28 -48.61 -29.32 -92.23
CA PRO A 29 -47.43 -27.78 -95.56
CA LYS A 30 -50.16 -29.12 -97.85
CA SER A 31 -52.75 -28.34 -95.17
CA GLY A 32 -55.05 -27.16 -97.94
CA LYS A 33 -55.33 -23.99 -95.89
CA PRO A 34 -53.80 -20.46 -96.12
CA PRO A 35 -50.45 -20.80 -94.26
CA PHE A 36 -49.30 -18.32 -91.68
CA VAL A 37 -45.70 -18.00 -90.71
CA ILE A 38 -44.15 -16.41 -87.70
CA PHE A 39 -40.55 -17.15 -86.87
CA MET A 40 -39.77 -17.16 -83.16
CA PRO A 41 -36.83 -14.86 -82.39
CA PRO A 42 -34.51 -17.51 -80.84
CA PRO A 43 -33.69 -17.38 -77.07
CA ASN A 44 -30.39 -18.26 -75.36
CA VAL A 45 -30.01 -21.67 -73.72
CA THR A 46 -28.72 -20.34 -70.37
CA GLY A 47 -30.43 -18.86 -67.35
CA SER A 48 -34.13 -18.02 -67.24
CA LEU A 49 -35.80 -15.38 -69.36
CA HIS A 50 -36.41 -11.68 -68.69
CA MET A 51 -39.64 -9.76 -69.39
CA GLY A 52 -38.17 -9.12 -72.83
CA HIS A 53 -38.99 -12.63 -74.03
CA ALA A 54 -42.36 -12.22 -72.35
CA LEU A 55 -43.73 -9.29 -74.36
CA ASP A 56 -41.82 -10.92 -77.20
CA ASN A 57 -43.08 -14.55 -77.08
CA SER A 58 -46.53 -13.08 -76.38
CA LEU A 59 -47.22 -10.50 -79.05
CA GLN A 60 -46.29 -13.52 -81.14
CA ASP A 61 -48.48 -16.19 -79.73
CA ALA A 62 -51.23 -13.55 -79.79
CA LEU A 63 -50.97 -12.86 -83.49
CA ILE A 64 -50.90 -16.60 -83.76
CA ARG A 65 -53.92 -17.99 -81.95
CA TYR A 66 -55.68 -15.22 -83.88
CA LYS A 67 -54.70 -16.10 -87.44
CA ARG A 68 -54.96 -19.62 -86.02
CA MET A 69 -58.71 -19.66 -85.61
CA ARG A 70 -59.34 -17.57 -88.69
CA GLY A 71 -58.85 -20.48 -91.04
CA PHE A 72 -55.05 -20.25 -91.31
CA GLU A 73 -52.22 -22.63 -90.73
CA ALA A 74 -50.34 -20.82 -87.96
CA VAL A 75 -46.99 -22.49 -88.51
CA TRP A 76 -45.07 -21.00 -85.56
CA LEU A 77 -41.29 -21.72 -85.52
CA PRO A 78 -39.77 -22.65 -82.14
CA GLY A 79 -36.00 -22.56 -81.83
CA THR A 80 -33.30 -21.57 -79.35
CA ASP A 81 -29.93 -19.93 -79.94
CA HIS A 82 -26.77 -21.30 -78.38
CA ALA A 83 -25.69 -17.86 -77.12
CA GLY A 84 -22.11 -18.95 -77.90
CA ILE A 85 -19.59 -16.34 -76.73
CA ALA A 86 -21.92 -16.22 -73.72
CA THR A 87 -22.61 -19.92 -73.26
CA GLN A 88 -18.94 -20.83 -73.65
CA VAL A 89 -18.23 -18.41 -70.84
CA VAL A 90 -21.34 -20.02 -69.43
CA VAL A 91 -20.10 -23.58 -69.01
CA GLU A 92 -16.90 -21.56 -68.28
CA ARG A 93 -18.28 -19.67 -65.23
CA LEU A 94 -20.07 -22.93 -64.50
CA LEU A 95 -16.63 -24.47 -64.61
CA LEU A 96 -15.43 -21.47 -62.55
CA LYS A 97 -18.19 -21.52 -59.94
CA GLU A 98 -16.90 -25.14 -59.81
CA GLY A 99 -13.16 -25.39 -59.93
CA LYS A 100 -12.29 -26.05 -63.59
CA THR A 101 -11.58 -23.93 -66.69
CA ARG A 102 -12.06 -23.70 -70.50
CA HIS A 103 -8.46 -24.34 -71.60
CA ASP A 104 -7.77 -26.42 -68.47
CA LEU A 105 -9.64 -29.40 -69.85
CA GLY A 106 -8.43 -30.17 -73.35
CA ARG A 107 -10.70 -28.68 -76.05
CA GLU A 108 -12.95 -31.39 -77.46
CA LYS A 109 -13.84 -31.82 -73.75
CA PHE A 110 -15.49 -28.44 -73.38
CA LEU A 111 -17.65 -29.63 -76.27
CA GLU A 112 -18.83 -32.82 -74.53
CA ARG A 113 -20.05 -31.36 -71.22
CA VAL A 114 -21.46 -28.55 -73.30
CA TRP A 115 -24.06 -31.16 -74.27
CA GLN A 116 -23.88 -32.50 -70.73
CA TRP A 117 -25.17 -29.03 -69.96
CA LYS A 118 -27.21 -28.61 -73.16
CA GLU A 119 -29.75 -30.43 -70.96
CA GLU A 120 -30.35 -27.87 -68.22
CA SER A 121 -31.25 -24.35 -69.50
CA GLY A 122 -32.65 -25.71 -72.77
CA GLY A 123 -35.10 -27.82 -70.85
CA THR A 124 -36.07 -24.63 -69.04
CA ILE A 125 -36.51 -22.01 -71.69
CA LEU A 126 -39.05 -24.03 -73.59
CA LYS A 127 -40.79 -25.24 -70.45
CA GLN A 128 -40.72 -21.62 -69.30
CA LEU A 129 -42.48 -20.67 -72.49
CA LYS A 130 -44.89 -23.60 -72.27
CA ARG A 131 -46.40 -22.45 -68.98
CA LEU A 132 -46.85 -19.02 -70.50
CA GLY A 133 -49.49 -19.68 -73.16
CA ALA A 134 -47.18 -21.37 -75.67
CA SER A 135 -48.68 -23.09 -78.72
CA ALA A 136 -45.91 -23.22 -81.33
CA ASP A 137 -45.21 -26.30 -83.38
CA TRP A 138 -42.94 -27.91 -80.81
CA SER A 139 -42.65 -30.78 -83.30
CA ARG A 140 -40.37 -28.44 -85.26
CA GLU A 141 -38.22 -26.91 -82.53
CA ALA A 142 -34.81 -25.79 -83.66
CA PHE A 143 -31.52 -24.91 -81.91
CA THR A 144 -29.01 -23.04 -84.09
CA MET A 145 -26.46 -25.78 -83.22
CA ASP A 146 -28.16 -28.94 -84.50
CA GLU A 147 -27.32 -31.19 -87.47
CA LYS A 148 -29.85 -29.18 -89.50
CA ARG A 149 -28.81 -25.64 -88.64
CA SER A 150 -25.23 -26.81 -88.29
CA ARG A 151 -25.41 -27.22 -92.09
CA ALA A 152 -27.11 -23.96 -92.87
CA VAL A 153 -24.05 -21.81 -92.03
CA ARG A 154 -21.53 -24.08 -93.73
CA TYR A 155 -23.53 -24.58 -96.90
CA ALA A 156 -24.19 -20.85 -96.77
CA PHE A 157 -20.60 -19.94 -96.02
CA SER A 158 -19.65 -21.93 -99.09
CA ARG A 159 -21.89 -19.76 -101.20
CA TYR A 160 -20.95 -16.37 -99.73
CA TYR A 161 -17.24 -17.07 -100.49
CA HIS A 162 -17.35 -18.43 -104.03
CA GLU A 163 -19.58 -15.51 -104.87
CA GLY A 164 -16.76 -13.09 -104.31
CA LEU A 165 -18.35 -11.95 -101.11
CA ALA A 166 -16.52 -13.96 -98.43
CA TYR A 167 -12.86 -12.88 -98.26
CA ARG A 168 -10.01 -13.32 -95.78
CA ALA A 169 -7.74 -10.31 -95.13
CA PRO A 170 -5.65 -9.23 -92.09
CA ARG A 171 -7.48 -6.03 -91.16
CA LEU A 172 -7.07 -4.29 -87.82
CA VAL A 173 -9.20 -6.09 -85.26
CA ASN A 174 -10.49 -4.95 -81.89
CA TRP A 175 -9.49 -7.47 -79.22
CA CYS A 176 -9.95 -8.49 -75.60
CA PRO A 177 -6.94 -10.18 -73.94
CA ARG A 178 -9.55 -11.10 -71.29
CA CYS A 179 -12.47 -13.03 -72.74
CA GLU A 180 -9.82 -13.88 -75.39
CA THR A 181 -11.74 -13.18 -78.62
CA THR A 182 -12.27 -10.64 -81.40
CA LEU A 183 -15.01 -8.03 -81.22
CA SER A 184 -17.58 -6.38 -83.46
CA ASP A 185 -18.17 -2.61 -83.40
CA LEU A 186 -21.41 -2.47 -81.43
CA GLU A 187 -20.39 -4.92 -78.66
CA VAL A 188 -17.52 -3.65 -76.51
CA GLU A 189 -17.50 -0.75 -74.01
CA THR A 190 -14.86 1.67 -72.76
CA GLU A 191 -15.06 4.32 -70.00
CA PRO A 192 -13.93 7.90 -68.91
CA THR A 193 -11.43 6.91 -66.13
CA PRO A 194 -8.48 9.27 -65.18
CA GLY A 195 -4.72 8.65 -65.38
CA LYS A 196 -1.82 10.68 -66.84
CA LEU A 197 -0.57 12.45 -70.02
CA TYR A 198 3.19 12.82 -70.46
CA THR A 199 4.71 15.32 -72.89
CA LEU A 200 7.61 13.64 -74.66
CA ARG A 201 9.68 15.82 -77.00
CA TYR A 202 12.71 14.79 -79.08
CA GLU A 203 15.32 15.00 -81.85
CA VAL A 204 15.16 15.24 -85.68
CA GLU A 205 17.78 14.58 -88.37
CA GLY A 206 18.60 18.17 -89.09
CA GLY A 207 16.67 19.98 -86.38
CA GLY A 208 16.67 18.86 -82.77
CA PHE A 209 13.19 19.07 -81.28
CA ILE A 210 9.44 18.39 -81.67
CA GLU A 211 6.51 18.14 -79.21
CA ILE A 212 4.37 15.13 -78.22
CA ALA A 213 1.53 14.32 -75.71
CA THR A 214 1.10 10.49 -75.50
CA VAL A 215 -1.00 8.18 -73.27
CA ARG A 216 1.27 5.09 -73.57
CA PRO A 217 5.06 5.85 -73.51
CA GLU A 218 6.06 2.22 -73.86
CA THR A 219 4.57 1.90 -77.35
CA VAL A 220 7.14 4.32 -78.77
CA PHE A 221 8.81 1.33 -80.44
CA ALA A 222 5.73 0.21 -82.38
CA ASP A 223 5.96 3.68 -83.93
CA GLN A 224 6.49 4.28 -87.60
CA ALA A 225 5.71 7.96 -88.13
CA ILE A 226 5.18 11.40 -86.67
CA ALA A 227 2.18 13.34 -87.94
CA VAL A 228 1.06 16.97 -88.28
CA HIS A 229 -1.99 18.53 -89.98
CA PRO A 230 -1.87 19.41 -93.70
CA GLU A 231 -2.71 23.02 -92.82
CA ASP A 232 -1.27 23.73 -89.37
CA GLU A 233 2.01 25.41 -90.30
CA ARG A 234 3.50 25.49 -86.76
CA TYR A 235 5.38 22.37 -87.92
CA ARG A 236 6.37 23.64 -91.35
CA HIS A 237 10.09 22.99 -91.86
CA LEU A 238 10.12 19.94 -89.56
CA LEU A 239 7.84 18.06 -91.94
CA GLY A 240 10.01 15.42 -93.64
CA LYS A 241 13.36 14.59 -92.02
CA ARG A 242 14.07 11.63 -89.69
CA ALA A 243 13.04 11.19 -86.05
CA ARG A 244 15.46 9.60 -83.60
CA ILE A 245 12.99 8.37 -80.96
CA PRO A 246 14.60 8.81 -77.47
CA LEU A 247 17.02 6.24 -75.96
CA THR A 248 16.92 4.00 -79.04
CA GLU A 249 18.65 5.10 -82.30
CA VAL A 250 16.06 4.43 -85.04
CA TRP A 251 15.09 7.39 -87.19
CA ILE A 252 11.50 7.96 -88.39
CA PRO A 253 10.12 10.25 -91.14
CA ILE A 254 7.70 12.89 -89.82
CA LEU A 255 4.63 13.70 -91.93
CA ALA A 256 1.07 15.10 -91.92
CA ASP A 257 -2.54 13.89 -91.80
CA PRO A 258 -6.08 15.50 -91.80
CA ALA A 259 -7.21 13.69 -88.65
CA VAL A 260 -4.81 15.46 -86.32
CA GLU A 261 -6.37 17.95 -83.88
CA LYS A 262 -3.75 20.67 -84.45
CA ASP A 263 -4.41 22.00 -80.95
CA PHE A 264 -4.19 19.44 -78.10
CA GLY A 265 -1.01 21.16 -76.83
CA THR A 266 1.41 19.70 -79.38
CA GLY A 267 0.19 19.34 -82.97
CA ALA A 268 2.47 16.37 -83.79
CA LEU A 269 1.53 12.92 -82.47
CA LYS A 270 2.60 9.28 -82.57
CA VAL A 271 1.86 6.51 -85.10
CA THR A 272 1.57 3.08 -83.43
CA PRO A 273 -0.50 1.31 -86.16
CA ALA A 274 -0.22 -2.10 -84.54
CA HIS A 275 -1.49 -1.01 -81.14
CA ASP A 276 -3.86 1.81 -82.14
CA PRO A 277 -6.98 2.44 -84.28
CA LEU A 278 -6.18 6.05 -85.09
CA ASP A 279 -2.68 5.19 -86.26
CA TYR A 280 -3.16 2.00 -88.30
CA GLU A 281 -5.36 4.19 -90.45
CA ILE A 282 -2.92 7.03 -91.08
CA GLY A 283 -0.18 4.45 -91.28
CA GLU A 284 -1.64 2.41 -94.16
CA ARG A 285 -2.83 5.53 -95.95
CA HIS A 286 0.96 5.75 -96.22
CA GLY A 287 1.56 2.02 -96.11
CA LEU A 288 3.53 2.35 -92.89
CA LYS A 289 4.72 -1.20 -92.20
CA PRO A 290 3.40 -2.33 -88.76
CA VAL A 291 5.41 -2.97 -85.58
CA SER A 292 4.59 -4.29 -82.09
CA VAL A 293 6.13 -3.51 -78.69
CA ILE A 294 3.90 -5.73 -76.55
CA ASN A 295 2.88 -9.36 -77.26
CA LEU A 296 -0.50 -10.86 -76.21
CA GLU A 297 0.71 -11.69 -72.69
CA GLY A 298 0.35 -8.11 -71.49
CA ARG A 299 4.08 -7.46 -71.49
CA MET A 300 6.83 -6.14 -73.79
CA GLU A 301 9.05 -7.78 -76.40
CA GLY A 302 10.54 -7.39 -79.87
CA GLU A 303 13.70 -5.87 -81.31
CA ARG A 304 12.12 -2.41 -81.34
CA VAL A 305 11.53 -2.94 -77.57
CA PRO A 306 14.95 -1.90 -76.14
CA GLU A 307 16.97 -4.32 -73.98
CA ALA A 308 16.14 -4.46 -70.26
CA LEU A 309 12.71 -2.84 -70.85
CA ARG A 310 11.73 -6.10 -72.59
CA GLY A 311 9.80 -8.10 -70.00
CA LEU A 312 7.35 -7.36 -67.15
CA ASP A 313 3.77 -6.00 -67.26
CA ARG A 314 2.72 -3.39 -69.79
CA PHE A 315 2.00 -0.78 -67.13
CA GLU A 316 5.15 -1.87 -65.26
CA ALA A 317 7.49 -1.30 -68.18
CA ARG A 318 5.82 2.07 -68.77
CA ARG A 319 6.62 3.31 -65.28
CA LYS A 320 10.34 2.36 -65.42
CA ALA A 321 10.57 3.73 -68.94
CA VAL A 322 9.19 7.03 -67.62
CA GLU A 323 12.35 7.65 -65.58
CA LEU A 324 14.51 7.06 -68.66
CA PHE A 325 12.82 9.96 -70.46
CA ARG A 326 12.93 12.53 -67.62
CA GLU A 327 16.38 11.27 -66.59
CA ALA A 328 17.91 11.26 -70.11
CA GLY A 329 16.41 14.46 -71.55
CA HIS A 330 12.98 13.52 -72.97
CA LEU A 331 9.98 14.15 -70.65
CA VAL A 332 9.42 17.89 -70.51
CA LYS A 333 6.04 18.03 -68.78
CA GLU A 334 3.85 15.23 -67.47
CA GLU A 335 0.35 15.63 -65.97
CA ASP A 336 -2.91 13.85 -65.28
CA TYR A 337 -5.58 13.10 -67.89
CA THR A 338 -8.96 11.55 -68.70
CA ILE A 339 -8.49 8.58 -71.04
CA ALA A 340 -11.41 6.55 -72.36
CA LEU A 341 -9.43 3.38 -71.73
CA ALA A 342 -11.03 0.29 -73.23
CA THR A 343 -12.42 -2.21 -70.70
CA CYS A 344 -13.67 -5.74 -71.26
CA SER A 345 -17.37 -5.41 -72.21
CA ARG A 346 -17.77 -8.63 -70.24
CA CYS A 347 -15.17 -8.24 -67.48
CA GLY A 348 -13.24 -5.00 -67.45
CA THR A 349 -9.49 -5.56 -67.83
CA PRO A 350 -8.07 -2.98 -70.40
CA ILE A 351 -8.19 -3.78 -74.12
CA GLU A 352 -5.19 -3.69 -76.44
CA TYR A 353 -5.26 -3.72 -80.24
CA ALA A 354 -3.47 -5.54 -83.00
CA ILE A 355 -3.87 -7.00 -86.46
CA PHE A 356 -5.40 -10.43 -87.06
CA PRO A 357 -6.19 -12.84 -89.93
CA GLN A 358 -9.99 -12.50 -89.63
CA TRP A 359 -12.57 -13.18 -92.34
CA TRP A 360 -14.97 -10.45 -93.53
CA LEU A 361 -18.14 -10.50 -95.64
CA ARG A 362 -18.32 -7.96 -98.45
CA MET A 363 -21.51 -6.43 -97.10
CA ARG A 364 -21.07 -3.38 -99.33
CA PRO A 365 -22.78 -4.92 -102.35
CA LEU A 366 -24.91 -7.46 -100.41
CA ALA A 367 -26.33 -4.60 -98.43
CA GLU A 368 -27.51 -3.47 -101.85
CA GLU A 369 -29.90 -6.07 -103.14
CA VAL A 370 -32.06 -5.61 -100.09
CA LEU A 371 -32.12 -1.83 -100.39
CA LYS A 372 -33.88 -1.91 -103.74
CA GLY A 373 -36.11 -4.46 -102.05
CA LEU A 374 -37.26 -2.33 -99.12
CA ARG A 375 -37.57 0.26 -101.85
CA ARG A 376 -40.11 -1.76 -103.86
CA GLY A 377 -42.54 -1.84 -100.95
CA ASP A 378 -41.60 -5.55 -100.68
CA ILE A 379 -41.51 -5.26 -96.89
CA ALA A 380 -43.30 -2.71 -94.65
CA PHE A 381 -42.74 -1.90 -90.95
CA VAL A 382 -45.28 -1.41 -88.16
CA PRO A 383 -44.02 1.71 -86.44
CA GLU A 384 -43.47 2.91 -89.99
CA ARG A 385 -40.65 4.97 -88.57
CA TRP A 386 -38.14 2.21 -89.11
CA LYS A 387 -38.42 1.89 -92.86
CA LYS A 388 -35.63 4.46 -93.24
CA VAL A 389 -33.86 3.45 -90.07
CA ASN A 390 -33.44 -0.01 -91.61
CA MET A 391 -32.71 1.41 -95.05
CA ASP A 392 -30.13 3.74 -93.59
CA TRP A 393 -27.98 1.22 -91.75
CA LEU A 394 -28.05 -0.31 -95.23
CA GLU A 395 -27.04 2.88 -97.03
CA ASN A 396 -23.55 2.00 -95.73
CA VAL A 397 -22.21 -0.93 -93.70
CA LYS A 398 -18.56 -2.11 -93.44
CA ASP A 399 -17.61 -5.73 -94.30
CA TRP A 400 -18.97 -7.11 -91.01
CA ASN A 401 -16.39 -9.32 -89.25
CA ILE A 402 -17.36 -12.92 -89.11
CA SER A 403 -14.20 -14.43 -87.62
CA ARG A 404 -14.33 -15.21 -83.93
CA GLN A 405 -12.45 -17.27 -81.38
CA LEU A 406 -14.09 -19.71 -78.94
CA TRP A 407 -14.94 -23.39 -79.02
CA TRP A 408 -18.68 -23.35 -78.51
CA GLY A 409 -20.21 -22.33 -81.82
CA HIS A 410 -19.59 -23.31 -85.45
CA GLN A 411 -16.02 -23.54 -86.63
CA ILE A 412 -15.50 -22.13 -90.12
CA PRO A 413 -14.85 -24.52 -93.07
CA ALA A 414 -11.55 -23.03 -94.14
CA TRP A 415 -8.47 -25.28 -94.22
CA TYR A 416 -4.91 -24.13 -94.51
CA CYS A 417 -1.77 -25.79 -95.80
CA GLU A 418 1.45 -25.85 -93.73
CA ASP A 419 3.47 -25.14 -96.85
CA CYS A 420 1.90 -22.66 -99.31
CA GLN A 421 -0.67 -21.55 -96.69
CA ALA A 422 -3.83 -21.61 -98.81
CA VAL A 423 -7.56 -21.94 -98.16
CA ASN A 424 -9.96 -24.72 -99.18
CA VAL A 425 -13.59 -23.57 -99.13
CA PRO A 426 -15.27 -26.79 -100.27
CA ARG A 427 -17.02 -26.26 -103.58
CA PRO A 428 -20.78 -25.55 -102.92
CA GLU A 429 -22.38 -28.31 -104.99
CA ARG A 430 -20.18 -30.45 -102.66
CA TYR A 431 -19.79 -28.52 -99.39
CA LEU A 432 -19.71 -31.27 -96.82
CA GLU A 433 -16.88 -32.80 -98.87
CA ASP A 434 -14.15 -32.15 -96.30
CA PRO A 435 -10.89 -30.92 -97.86
CA THR A 436 -8.18 -33.55 -98.16
CA SER A 437 -5.50 -32.50 -100.64
CA CYS A 438 -4.30 -28.92 -101.00
CA GLU A 439 -5.88 -27.99 -104.38
CA ALA A 440 -2.92 -25.64 -104.85
CA CYS A 441 0.45 -26.99 -103.62
CA GLY A 442 -1.10 -30.44 -103.38
CA SER A 443 0.40 -31.25 -99.95
CA PRO A 444 -2.04 -32.94 -97.51
CA ARG A 445 -0.42 -30.74 -94.87
CA LEU A 446 -3.81 -29.06 -94.50
CA LYS A 447 -4.73 -27.34 -91.23
CA ARG A 448 -8.26 -26.01 -90.61
CA ASP A 449 -9.03 -22.63 -89.09
CA GLU A 450 -9.96 -23.22 -85.45
CA ASP A 451 -12.04 -20.07 -84.94
CA VAL A 452 -15.83 -19.66 -84.91
CA PHE A 453 -18.61 -17.62 -86.54
CA ASP A 454 -20.11 -14.40 -85.12
CA THR A 455 -23.18 -16.03 -83.57
CA TRP A 456 -25.61 -13.77 -85.53
CA PHE A 457 -24.16 -15.22 -88.74
CA SER A 458 -26.17 -18.27 -87.93
CA SER A 459 -28.77 -15.94 -86.46
CA ALA A 460 -29.22 -14.40 -89.92
CA LEU A 461 -30.22 -17.67 -91.57
CA TRP A 462 -33.01 -18.29 -89.06
CA PRO A 463 -35.83 -17.64 -91.48
CA LEU A 464 -34.11 -20.36 -93.50
CA SER A 465 -32.21 -22.78 -91.28
CA THR A 466 -35.67 -23.23 -89.77
CA LEU A 467 -37.25 -24.75 -92.82
CA GLY A 468 -33.96 -26.62 -93.35
CA TRP A 469 -32.59 -24.18 -95.92
CA PRO A 470 -29.46 -26.16 -96.61
CA GLU A 471 -31.46 -28.59 -98.73
CA GLU A 472 -34.73 -28.31 -100.69
CA THR A 473 -37.84 -29.43 -98.84
CA GLU A 474 -41.52 -28.63 -98.64
CA ASP A 475 -41.67 -26.66 -95.47
CA LEU A 476 -39.15 -24.44 -97.26
CA LYS A 477 -41.37 -24.33 -100.30
CA ALA A 478 -44.56 -24.31 -98.24
CA PHE A 479 -43.99 -20.95 -96.58
CA TYR A 480 -40.49 -19.51 -96.83
CA PRO A 481 -41.44 -15.94 -96.97
CA GLY A 482 -42.16 -15.38 -93.31
CA ASP A 483 -45.24 -13.35 -92.66
CA VAL A 484 -44.69 -11.46 -89.40
CA LEU A 485 -41.30 -10.72 -87.83
CA VAL A 486 -41.78 -9.92 -84.15
CA THR A 487 -38.91 -8.33 -82.20
CA GLY A 488 -37.30 -5.32 -80.62
CA TYR A 489 -35.46 -2.63 -82.52
CA ASP A 490 -32.47 -3.23 -80.29
CA ILE A 491 -31.71 -6.39 -82.23
CA LEU A 492 -32.81 -4.85 -85.50
CA PHE A 493 -29.37 -4.23 -86.98
CA LEU A 494 -27.84 -7.33 -85.58
CA TRP A 495 -30.82 -9.41 -86.80
CA VAL A 496 -33.30 -8.19 -89.46
CA SER A 497 -30.95 -6.28 -91.72
CA ARG A 498 -28.61 -9.25 -91.55
CA MET A 499 -31.49 -11.50 -92.49
CA GLU A 500 -33.17 -9.22 -95.04
CA VAL A 501 -29.84 -9.89 -96.65
CA SER A 502 -29.60 -13.65 -96.31
CA GLY A 503 -33.04 -13.63 -97.83
CA TYR A 504 -32.75 -11.33 -100.84
CA HIS A 505 -29.53 -13.20 -101.60
CA PHE A 506 -30.07 -16.86 -100.73
CA MET A 507 -33.70 -17.05 -101.82
CA GLY A 508 -33.82 -13.84 -103.81
CA GLU A 509 -36.98 -12.56 -102.11
CA ARG A 510 -37.97 -10.71 -98.95
CA PRO A 511 -37.52 -13.01 -95.91
CA PHE A 512 -40.73 -11.64 -94.49
CA LYS A 513 -43.67 -9.37 -95.38
CA THR A 514 -44.33 -7.24 -92.32
CA VAL A 515 -41.93 -6.52 -89.44
CA LEU A 516 -43.20 -5.70 -85.97
CA LEU A 517 -40.77 -3.77 -83.76
CA HIS A 518 -41.79 -3.33 -80.12
CA GLY A 519 -40.46 -1.26 -77.26
CA LEU A 520 -38.37 -2.41 -74.30
CA VAL A 521 -39.94 -3.51 -71.04
CA LEU A 522 -37.68 -2.06 -68.47
CA ASP A 523 -37.63 -1.93 -64.72
CA GLU A 524 -39.96 0.63 -63.26
CA LYS A 525 -36.80 2.80 -63.37
CA GLY A 526 -35.99 3.15 -67.07
CA GLN A 527 -32.54 1.51 -66.84
CA LYS A 528 -32.60 -1.36 -69.33
CA MET A 529 -33.87 -4.63 -67.94
CA SER A 530 -31.15 -7.10 -68.97
CA LYS A 531 -29.53 -10.15 -67.31
CA SER A 532 -25.94 -8.83 -66.92
CA LYS A 533 -26.73 -5.70 -64.79
CA GLY A 534 -28.62 -7.07 -61.76
CA ASN A 535 -31.97 -5.35 -62.44
CA VAL A 536 -34.63 -8.05 -63.26
CA ILE A 537 -38.26 -9.06 -62.43
CA ASP A 538 -38.41 -12.83 -63.06
CA PRO A 539 -41.42 -13.76 -65.30
CA LEU A 540 -41.92 -17.20 -63.76
CA GLU A 541 -42.21 -15.43 -60.44
CA MET A 542 -45.01 -13.37 -61.92
CA VAL A 543 -47.13 -15.91 -63.80
CA GLU A 544 -47.31 -17.63 -60.43
CA ARG A 545 -47.82 -14.44 -58.45
CA TYR A 546 -50.32 -13.04 -60.93
CA GLY A 547 -51.10 -15.43 -63.77
CA ALA A 548 -49.62 -15.98 -67.23
CA ASP A 549 -53.02 -14.74 -68.31
CA ALA A 550 -52.69 -11.53 -66.39
CA LEU A 551 -49.05 -11.17 -67.30
CA ARG A 552 -49.74 -11.84 -71.01
CA PHE A 553 -52.32 -9.06 -70.85
CA ALA A 554 -50.19 -6.40 -69.26
CA LEU A 555 -47.32 -6.19 -71.79
CA ILE A 556 -49.72 -6.27 -74.79
CA TYR A 557 -51.61 -3.56 -72.97
CA LEU A 558 -48.46 -1.50 -72.42
CA ALA A 559 -46.88 -2.12 -75.83
CA THR A 560 -48.38 0.96 -77.52
CA GLY A 561 -46.95 3.33 -80.11
CA GLY A 562 -44.19 0.72 -80.42
CA GLN A 563 -42.20 2.51 -77.74
CA ASP A 564 -40.62 1.21 -74.54
CA ILE A 565 -42.57 -0.26 -71.63
CA ARG A 566 -42.04 0.64 -67.98
CA LEU A 567 -43.56 -2.42 -66.23
CA ASP A 568 -45.45 -1.95 -63.04
CA LEU A 569 -47.00 -4.35 -60.58
CA ARG A 570 -49.66 -1.64 -60.77
CA TRP A 571 -50.49 -2.46 -64.36
CA LEU A 572 -49.80 -6.05 -63.53
CA GLU A 573 -52.44 -5.61 -60.84
CA MET A 574 -55.21 -4.26 -63.05
CA ALA A 575 -54.36 -7.36 -65.00
CA ARG A 576 -55.82 -9.96 -62.63
CA ASN A 577 -58.65 -7.50 -61.79
CA PHE A 578 -60.01 -7.85 -65.32
CA ALA A 579 -59.46 -11.58 -65.70
CA ASN A 580 -61.06 -11.97 -62.27
CA LYS A 581 -63.75 -9.35 -62.78
CA LEU A 582 -64.76 -11.48 -65.80
CA TYR A 583 -64.48 -14.79 -63.93
CA ASN A 584 -67.27 -13.31 -61.83
CA ALA A 585 -69.77 -12.52 -64.57
CA ALA A 586 -68.80 -15.87 -66.01
CA ARG A 587 -69.86 -17.71 -62.86
CA PHE A 588 -73.08 -15.68 -62.48
CA VAL A 589 -74.36 -16.41 -65.98
CA LEU A 590 -72.98 -19.90 -65.53
CA LEU A 591 -74.69 -19.85 -62.14
CA SER A 592 -78.16 -18.47 -63.05
CA ARG A 593 -78.45 -20.95 -65.92
CA GLU A 594 -78.39 -23.49 -63.12
CA GLY A 595 -82.02 -23.91 -62.03
CA PHE A 596 -83.68 -21.06 -63.93
CA GLN A 597 -87.33 -21.67 -64.66
CA ALA A 598 -88.45 -20.90 -68.24
CA LYS A 599 -91.12 -18.37 -67.32
CA GLU A 600 -91.14 -15.88 -70.19
CA ASP A 601 -88.98 -15.11 -73.22
CA THR A 602 -89.22 -11.46 -74.26
CA PRO A 603 -86.97 -8.94 -76.12
CA THR A 604 -85.76 -6.26 -73.71
CA LEU A 605 -83.68 -3.20 -74.48
CA ALA A 606 -80.93 -4.46 -72.20
CA ASP A 607 -80.79 -7.62 -74.29
CA ARG A 608 -80.70 -6.11 -77.80
CA PHE A 609 -78.22 -3.34 -76.97
CA MET A 610 -75.88 -6.13 -75.92
CA ARG A 611 -75.43 -7.20 -79.53
CA SER A 612 -75.30 -3.94 -81.36
CA ARG A 613 -72.39 -3.26 -79.01
CA LEU A 614 -71.08 -6.79 -79.13
CA SER A 615 -71.38 -6.52 -82.87
CA ARG A 616 -69.32 -3.37 -83.21
CA GLY A 617 -66.79 -5.24 -81.08
CA VAL A 618 -66.11 -8.16 -83.38
CA GLU A 619 -65.64 -5.59 -86.10
CA GLU A 620 -63.85 -2.72 -84.32
CA ILE A 621 -61.84 -5.41 -82.55
CA THR A 622 -60.71 -7.59 -85.39
CA ALA A 623 -59.79 -4.63 -87.61
CA LEU A 624 -57.35 -3.66 -84.87
CA TYR A 625 -56.11 -7.14 -84.11
CA GLU A 626 -55.78 -7.31 -87.85
CA ALA A 627 -53.83 -4.06 -88.32
CA LEU A 628 -51.23 -5.22 -85.78
CA ASP A 629 -51.97 -2.99 -82.77
CA LEU A 630 -52.87 -5.62 -80.20
CA ALA A 631 -51.85 -2.80 -77.86
CA GLN A 632 -54.95 -0.64 -78.43
CA ALA A 633 -56.70 -3.79 -79.59
CA ALA A 634 -56.43 -4.94 -76.04
CA ARG A 635 -57.70 -1.97 -74.08
CA GLU A 636 -60.58 -2.02 -76.51
CA VAL A 637 -61.62 -5.50 -75.45
CA TYR A 638 -61.13 -4.25 -71.91
CA GLU A 639 -63.80 -1.67 -72.49
CA LEU A 640 -66.36 -4.19 -73.87
CA VAL A 641 -65.74 -6.68 -71.08
CA TRP A 642 -65.23 -4.71 -67.92
CA SER A 643 -67.71 -1.91 -68.69
CA GLU A 644 -69.95 -2.92 -71.58
CA PHE A 645 -70.84 -6.06 -69.70
CA CYS A 646 -70.08 -6.48 -66.01
CA ASP A 647 -70.80 -2.78 -65.69
CA TRP A 648 -74.04 -2.54 -67.64
CA TYR A 649 -75.67 -5.38 -69.58
CA LEU A 650 -75.02 -8.20 -67.16
CA GLU A 651 -76.21 -5.67 -64.58
CA ALA A 652 -79.28 -4.52 -66.51
CA ALA A 653 -79.94 -8.22 -67.21
CA LYS A 654 -80.12 -9.17 -63.52
CA PRO A 655 -83.56 -7.53 -63.14
CA ALA A 656 -84.71 -9.73 -66.01
CA LEU A 657 -83.11 -13.01 -64.94
CA LYS A 658 -85.02 -12.52 -61.66
CA ALA A 659 -88.51 -12.12 -63.12
CA GLY A 660 -87.73 -15.34 -64.99
CA ASN A 661 -87.20 -13.94 -68.48
CA ALA A 662 -85.58 -16.68 -70.53
CA HIS A 663 -84.59 -14.48 -73.46
CA THR A 664 -82.06 -12.59 -71.40
CA LEU A 665 -80.25 -15.65 -70.07
CA ARG A 666 -80.08 -16.69 -73.72
CA THR A 667 -78.50 -13.39 -74.63
CA LEU A 668 -76.15 -13.84 -71.65
CA GLU A 669 -75.21 -17.35 -72.54
CA GLU A 670 -74.76 -16.44 -76.20
CA VAL A 671 -73.03 -13.08 -75.76
CA LEU A 672 -70.43 -14.09 -73.11
CA ALA A 673 -69.21 -17.06 -75.10
CA VAL A 674 -68.51 -14.62 -77.95
CA LEU A 675 -66.32 -12.47 -75.73
CA LEU A 676 -64.36 -15.42 -74.59
CA LYS A 677 -63.82 -15.88 -78.33
CA LEU A 678 -62.30 -12.37 -78.66
CA LEU A 679 -60.44 -12.42 -75.43
CA HIS A 680 -58.67 -15.80 -75.63
CA PRO A 681 -55.72 -14.33 -77.53
CA MET A 682 -54.81 -12.11 -74.55
CA MET A 683 -55.79 -14.65 -71.92
CA PRO A 684 -55.91 -18.33 -72.97
CA PHE A 685 -56.23 -20.80 -70.02
CA LEU A 686 -58.81 -18.65 -68.21
CA THR A 687 -60.98 -18.31 -71.27
CA SER A 688 -60.32 -22.02 -71.97
CA GLU A 689 -61.61 -23.09 -68.62
CA LEU A 690 -64.47 -20.57 -68.77
CA TYR A 691 -65.48 -21.07 -72.40
CA GLN A 692 -65.49 -24.75 -71.79
CA ALA A 693 -67.47 -24.48 -68.55
CA LEU A 694 -70.35 -22.77 -70.44
CA THR A 695 -70.12 -24.91 -73.53
CA GLY A 696 -68.40 -28.23 -72.75
CA LYS A 697 -66.40 -27.55 -75.92
CA GLU A 698 -63.28 -29.51 -75.06
CA GLU A 699 -61.08 -26.87 -76.68
CA LEU A 700 -61.63 -23.18 -77.36
CA ALA A 701 -58.14 -23.13 -78.84
CA LEU A 702 -59.68 -24.32 -82.09
CA GLU A 703 -63.00 -22.54 -82.44
CA ALA A 704 -63.89 -19.93 -85.01
CA TRP A 705 -63.18 -16.23 -84.79
CA PRO A 706 -66.59 -14.60 -84.48
CA GLU A 707 -67.93 -12.66 -87.42
CA PRO A 708 -70.01 -9.58 -86.61
CA GLY A 709 -73.71 -9.24 -87.35
CA GLY A 710 -75.77 -6.05 -87.34
CA ARG A 711 -75.91 -2.52 -85.98
CA ASP A 712 -78.72 -0.31 -84.62
CA GLU A 713 -78.00 3.43 -84.48
CA GLU A 714 -81.35 4.11 -82.76
CA ALA A 715 -81.58 1.17 -80.39
CA GLU A 716 -78.09 2.09 -79.30
CA ARG A 717 -79.16 5.72 -79.47
CA ALA A 718 -81.87 4.75 -76.98
CA PHE A 719 -80.01 2.82 -74.32
CA GLU A 720 -77.45 5.52 -73.66
CA ALA A 721 -80.36 7.82 -72.83
CA LEU A 722 -80.65 5.48 -69.86
CA LYS A 723 -76.95 5.86 -69.09
CA GLN A 724 -76.95 9.66 -69.22
CA ALA A 725 -79.89 9.31 -66.84
CA VAL A 726 -78.43 6.48 -64.82
CA THR A 727 -75.06 8.18 -64.35
CA ALA A 728 -76.52 11.69 -63.95
CA VAL A 729 -78.39 10.33 -60.95
CA ARG A 730 -75.39 8.43 -59.53
CA ALA A 731 -73.53 11.64 -60.09
CA LEU A 732 -75.94 13.95 -58.25
CA LYS A 733 -75.47 11.54 -55.35
CA ALA A 734 -71.67 11.85 -54.96
CA GLU A 735 -72.27 15.64 -54.92
CA ALA A 736 -74.82 15.21 -52.16
CA GLY A 737 -72.91 12.77 -50.00
CA LEU A 738 -75.72 10.21 -50.14
CA PRO A 739 -74.98 6.49 -49.62
CA PRO A 740 -74.70 4.17 -52.67
CA ALA A 741 -77.50 1.58 -52.37
CA GLN A 742 -79.99 4.25 -51.20
CA GLU A 743 -83.47 4.99 -52.56
CA VAL A 744 -84.08 8.31 -54.25
CA ARG A 745 -87.03 10.06 -55.92
CA VAL A 746 -85.83 11.54 -59.19
CA TYR A 747 -86.86 13.73 -62.11
CA LEU A 748 -85.68 13.20 -65.65
CA GLU A 749 -85.98 15.51 -68.65
CA GLY A 750 -85.44 15.09 -72.40
CA GLU A 751 -85.02 11.80 -74.21
CA THR A 752 -86.30 10.20 -71.00
CA ALA A 753 -88.42 7.65 -72.89
CA PRO A 754 -85.93 4.74 -72.49
CA VAL A 755 -85.93 5.33 -68.75
CA GLU A 756 -89.72 4.93 -68.85
CA GLU A 757 -90.22 1.84 -70.98
CA ASN A 758 -87.54 0.30 -68.77
CA LEU A 759 -88.40 1.57 -65.31
CA GLU A 760 -87.68 -1.80 -63.72
CA VAL A 761 -83.97 -1.54 -64.33
CA PHE A 762 -83.70 2.25 -64.29
CA ARG A 763 -84.51 1.69 -60.67
CA PHE A 764 -82.20 -1.32 -60.32
CA LEU A 765 -79.19 0.52 -61.54
CA SER A 766 -79.71 4.04 -60.16
CA ARG A 767 -81.29 2.49 -57.07
CA ALA A 768 -83.69 5.41 -57.55
CA ASP A 769 -87.36 5.56 -58.58
CA LEU A 770 -89.10 8.30 -60.51
CA LEU A 771 -91.42 11.19 -59.54
CA PRO A 772 -94.45 12.13 -61.71
CA GLU A 773 -94.26 15.90 -61.58
CA ARG A 774 -91.17 18.10 -61.84
CA PRO A 775 -89.98 19.45 -58.51
CA ALA A 776 -89.04 23.13 -58.80
CA LYS A 777 -86.77 22.60 -55.81
CA ALA A 778 -83.94 20.05 -56.32
CA LEU A 779 -80.26 19.60 -57.25
CA VAL A 780 -79.06 19.77 -60.85
CA LYS A 781 -76.96 17.57 -63.15
CA ALA A 782 -77.96 17.97 -66.77
CA MET A 783 -76.29 15.85 -69.46
CA PRO A 784 -75.74 16.39 -73.18
CA ARG A 785 -79.09 14.74 -73.91
CA VAL A 786 -80.76 14.53 -70.49
CA THR A 787 -80.94 16.02 -66.99
CA ALA A 788 -82.02 14.78 -63.57
CA ARG A 789 -83.33 17.16 -60.96
CA MET A 790 -83.19 15.24 -57.68
CA PRO A 791 -85.47 16.57 -54.88
CA LEU A 792 -83.86 17.65 -51.60
CA GLU A 793 -86.09 14.96 -50.04
CA GLY A 794 -86.26 9.49 -45.82
CA LEU A 795 -84.99 12.43 -43.72
CA LEU A 796 -81.52 14.07 -43.87
CA ASP A 797 -79.85 16.99 -42.01
CA VAL A 798 -80.78 19.89 -44.36
CA GLU A 799 -78.96 22.21 -42.00
CA GLU A 800 -75.87 20.18 -41.13
CA TRP A 801 -75.57 19.70 -44.87
CA ARG A 802 -76.23 23.37 -45.52
CA ARG A 803 -73.41 23.97 -43.08
CA ARG A 804 -71.22 20.93 -43.77
CA GLN A 805 -70.98 22.62 -47.19
CA GLU A 806 -71.50 26.26 -46.19
CA LYS A 807 -68.44 26.12 -43.92
CA ARG A 808 -66.65 23.85 -46.39
CA LEU A 809 -66.93 26.79 -48.81
CA LYS A 810 -65.12 29.50 -46.88
CA GLU A 811 -62.15 27.16 -46.46
CA LEU A 812 -61.52 26.92 -50.22
CA LEU A 813 -61.54 30.58 -51.28
CA ALA A 814 -59.01 30.91 -48.49
CA LEU A 815 -56.70 28.10 -49.58
CA ALA A 816 -57.47 29.67 -52.95
CA GLU A 817 -56.72 33.23 -51.92
CA ARG A 818 -53.38 32.03 -50.61
CA SER A 819 -52.26 30.07 -53.68
CA GLN A 820 -52.86 33.11 -55.95
CA ARG A 821 -50.73 35.73 -54.15
CA LYS A 822 -47.74 33.39 -53.83
CA LEU A 823 -47.90 32.83 -57.58
CA ALA A 824 -48.59 36.45 -58.44
CA SER A 825 -46.06 37.43 -55.73
CA PRO A 826 -42.50 38.88 -55.84
CA GLY A 827 -39.74 36.70 -57.31
CA PHE A 828 -42.06 33.73 -57.11
CA ARG A 829 -44.07 34.33 -60.34
CA GLU A 830 -40.88 34.26 -62.40
CA LYS A 831 -37.79 33.61 -60.31
CA ALA A 832 -39.58 30.50 -59.04
CA PRO A 833 -39.09 26.95 -60.59
CA LYS A 834 -41.38 26.05 -63.47
CA GLU A 835 -42.67 23.20 -61.37
CA VAL A 836 -44.02 23.95 -57.84
CA VAL A 837 -44.93 27.35 -59.27
CA GLU A 838 -47.51 25.88 -61.66
CA ALA A 839 -48.24 23.46 -58.85
CA GLU A 840 -49.72 25.97 -56.39
CA GLU A 841 -51.06 27.29 -59.67
CA ALA A 842 -52.41 23.86 -60.62
CA ARG A 843 -54.14 23.96 -57.28
CA LEU A 844 -55.60 27.49 -57.36
CA LYS A 845 -57.55 26.25 -60.34
CA GLU A 846 -59.44 23.22 -59.01
CA ASN A 847 -60.02 25.24 -55.86
CA LEU A 848 -62.07 27.93 -57.59
CA GLU A 849 -64.08 25.13 -59.25
CA GLN A 850 -64.77 23.07 -56.10
CA ALA A 851 -66.01 26.45 -54.99
CA GLU A 852 -68.51 26.68 -57.86
CA ARG A 853 -69.73 23.08 -57.46
CA ILE A 854 -70.38 23.50 -53.72
CA ARG A 855 -71.69 26.97 -54.57
CA GLU A 856 -74.68 25.84 -56.66
CA ALA A 857 -75.16 22.62 -54.68
CA LEU A 858 -75.95 25.06 -51.92
CA SER A 859 -77.32 27.64 -54.38
CA GLN A 860 -79.91 25.48 -56.11
CA ILE A 861 -80.71 23.24 -53.13
CA GLY A 862 -83.45 24.82 -51.04
CA MET B 1 9.98 -16.54 91.42
CA ASP B 2 10.93 -15.82 95.03
CA LEU B 3 10.19 -12.14 94.26
CA PRO B 4 11.90 -11.05 97.48
CA LYS B 5 11.33 -7.68 99.14
CA ALA B 6 14.71 -6.55 97.75
CA TYR B 7 16.98 -7.40 94.79
CA ASP B 8 20.28 -9.20 95.16
CA PRO B 9 22.67 -9.29 92.15
CA LYS B 10 24.66 -12.19 93.55
CA SER B 11 21.64 -14.43 94.23
CA VAL B 12 21.10 -13.83 90.52
CA GLU B 13 23.70 -12.52 88.10
CA PRO B 14 26.21 -15.36 88.45
CA LYS B 15 23.63 -17.98 87.55
CA TRP B 16 22.65 -16.50 84.20
CA ALA B 17 26.27 -15.69 83.54
CA GLU B 18 27.35 -19.34 83.77
CA LYS B 19 24.35 -20.29 81.61
CA TRP B 20 25.62 -18.17 78.75
CA ALA B 21 29.10 -19.52 79.61
CA LYS B 22 28.51 -23.19 78.88
CA ASN B 23 26.23 -22.54 75.88
CA PRO B 24 28.01 -20.10 73.43
CA PHE B 25 26.10 -17.95 70.96
CA VAL B 26 28.01 -19.75 68.19
CA ALA B 27 27.65 -17.57 65.08
CA ASN B 28 27.23 -19.14 61.61
CA PRO B 29 28.29 -17.66 58.20
CA LYS B 30 25.47 -19.00 56.04
CA SER B 31 22.98 -18.23 58.80
CA GLY B 32 20.59 -17.10 56.12
CA LYS B 33 20.39 -13.93 58.21
CA PRO B 34 21.78 -10.37 57.82
CA PRO B 35 25.25 -10.61 59.48
CA PHE B 36 26.39 -8.13 62.12
CA VAL B 37 30.08 -7.75 62.84
CA ILE B 38 31.70 -6.09 65.81
CA PHE B 39 35.37 -6.76 66.44
CA MET B 40 36.25 -6.70 70.16
CA PRO B 41 39.23 -4.40 70.79
CA PRO B 42 41.69 -6.97 72.26
CA PRO B 43 42.59 -6.83 76.00
CA ASN B 44 45.95 -7.69 77.57
CA VAL B 45 46.48 -11.02 79.30
CA THR B 46 47.95 -9.63 82.54
CA GLY B 47 46.28 -8.19 85.62
CA SER B 48 42.57 -7.35 85.87
CA LEU B 49 40.73 -4.80 83.75
CA HIS B 50 40.20 -1.09 84.40
CA MET B 51 36.91 0.79 83.86
CA GLY B 52 38.17 1.42 80.37
CA HIS B 53 37.41 -2.13 79.25
CA ALA B 54 34.08 -1.77 81.04
CA LEU B 55 32.55 1.10 79.06
CA ASP B 56 34.40 -0.49 76.17
CA ASN B 57 33.20 -4.13 76.36
CA SER B 58 29.73 -2.76 77.20
CA LEU B 59 28.90 -0.15 74.57
CA GLN B 60 29.82 -3.14 72.39
CA ASP B 61 27.72 -5.88 73.92
CA ALA B 62 24.99 -3.27 74.03
CA LEU B 63 25.01 -2.63 70.29
CA ILE B 64 25.13 -6.37 69.99
CA ARG B 65 22.22 -7.75 72.01
CA TYR B 66 20.35 -5.07 70.06
CA LYS B 67 21.15 -5.95 66.49
CA ARG B 68 21.05 -9.44 67.98
CA MET B 69 17.31 -9.54 68.56
CA ARG B 70 16.51 -7.51 65.47
CA GLY B 71 16.93 -10.42 63.09
CA PHE B 72 20.71 -10.17 62.76
CA GLU B 73 23.66 -12.47 63.12
CA ALA B 74 25.61 -10.59 65.82
CA VAL B 75 28.93 -12.23 65.14
CA TRP B 76 31.00 -10.68 67.95
CA LEU B 77 34.77 -11.34 67.89
CA PRO B 78 36.40 -12.28 71.23
CA GLY B 79 40.18 -12.07 71.36
CA THR B 80 42.97 -11.04 73.77
CA ASP B 81 46.29 -9.34 73.05
CA HIS B 82 49.55 -10.68 74.41
CA ALA B 83 50.60 -7.21 75.66
CA GLY B 84 54.15 -8.21 74.71
CA ILE B 85 56.72 -5.62 75.79
CA ALA B 86 54.51 -5.44 78.88
CA THR B 87 53.90 -9.17 79.32
CA GLN B 88 57.58 -10.02 78.84
CA VAL B 89 58.32 -7.59 81.62
CA VAL B 90 55.28 -9.22 83.16
CA VAL B 91 56.64 -12.75 83.48
CA GLU B 92 59.81 -10.75 84.16
CA ARG B 93 58.47 -8.78 87.18
CA LEU B 94 56.83 -12.09 88.02
CA LEU B 95 60.32 -13.52 87.81
CA LEU B 96 61.49 -10.45 89.78
CA LYS B 97 58.84 -10.63 92.48
CA GLU B 98 60.22 -14.21 92.60
CA GLY B 99 63.99 -14.35 92.35
CA LYS B 100 64.60 -15.11 88.66
CA THR B 101 65.26 -12.97 85.52
CA ARG B 102 64.60 -12.77 81.72
CA HIS B 103 68.20 -13.34 80.52
CA ASP B 104 68.85 -15.41 83.66
CA LEU B 105 67.16 -18.52 82.32
CA GLY B 106 68.21 -19.19 78.77
CA ARG B 107 65.83 -17.78 76.16
CA GLU B 108 63.52 -20.54 74.90
CA LYS B 109 62.80 -20.97 78.61
CA PHE B 110 61.17 -17.56 78.96
CA LEU B 111 58.77 -18.77 76.30
CA GLU B 112 57.83 -22.03 78.03
CA ARG B 113 56.68 -20.57 81.36
CA VAL B 114 55.13 -17.77 79.35
CA TRP B 115 52.61 -20.48 78.51
CA GLN B 116 52.92 -21.77 82.07
CA TRP B 117 51.63 -18.29 82.79
CA LYS B 118 49.41 -17.98 79.74
CA GLU B 119 46.96 -19.76 82.07
CA GLU B 120 46.53 -17.14 84.79
CA SER B 121 45.45 -13.68 83.52
CA GLY B 122 43.96 -15.11 80.35
CA GLY B 123 41.60 -17.23 82.36
CA THR B 124 40.65 -14.05 84.19
CA ILE B 125 40.12 -11.49 81.48
CA LEU B 126 37.48 -13.52 79.75
CA LYS B 127 35.96 -14.71 83.01
CA GLN B 128 35.98 -11.10 84.10
CA LEU B 129 34.13 -10.26 80.90
CA LYS B 130 31.70 -13.15 81.32
CA ARG B 131 30.39 -12.00 84.71
CA LEU B 132 29.73 -8.61 83.13
CA GLY B 133 27.04 -9.35 80.59
CA ALA B 134 29.23 -10.93 77.93
CA SER B 135 27.66 -12.80 75.03
CA ALA B 136 30.33 -12.88 72.34
CA ASP B 137 31.06 -15.92 70.19
CA TRP B 138 33.42 -17.51 72.74
CA SER B 139 33.68 -20.44 70.33
CA ARG B 140 35.74 -18.04 68.21
CA GLU B 141 37.97 -16.45 70.81
CA ALA B 142 41.36 -15.26 69.55
CA PHE B 143 44.69 -14.32 71.14
CA THR B 144 47.11 -12.44 68.90
CA MET B 145 49.71 -15.18 69.50
CA ASP B 146 47.98 -18.39 68.46
CA GLU B 147 48.75 -20.62 65.49
CA LYS B 148 46.14 -18.70 63.52
CA ARG B 149 47.15 -15.13 64.31
CA SER B 150 50.76 -16.22 64.54
CA ARG B 151 50.48 -16.66 60.77
CA ALA B 152 48.63 -13.44 60.00
CA VAL B 153 51.66 -11.24 60.70
CA ARG B 154 54.18 -13.45 58.95
CA TYR B 155 52.00 -14.03 55.86
CA ALA B 156 51.35 -10.34 55.96
CA PHE B 157 54.94 -9.34 56.52
CA SER B 158 55.86 -11.36 53.49
CA ARG B 159 53.43 -9.27 51.47
CA TYR B 160 54.38 -5.85 52.80
CA TYR B 161 58.05 -6.54 51.93
CA HIS B 162 57.79 -7.91 48.39
CA GLU B 163 55.45 -5.00 47.72
CA GLY B 164 58.30 -2.53 48.04
CA LEU B 165 56.83 -1.40 51.33
CA ALA B 166 58.84 -3.36 53.91
CA TYR B 167 62.49 -2.25 53.92
CA ARG B 168 65.46 -2.60 56.28
CA ALA B 169 67.66 0.46 56.81
CA PRO B 170 69.86 1.56 59.76
CA ARG B 171 68.09 4.76 60.74
CA LEU B 172 68.58 6.55 64.04
CA VAL B 173 66.65 3.74 66.72
CA ASN B 174 65.37 5.89 70.14
CA TRP B 175 66.59 3.43 72.77
CA CYS B 176 66.29 2.44 76.41
CA PRO B 177 69.36 0.74 77.94
CA ARG B 178 66.91 -0.14 80.72
CA CYS B 179 63.99 -2.19 79.49
CA GLU B 180 66.48 -3.00 76.67
CA THR B 181 64.41 -2.32 73.54
CA THR B 182 63.74 0.17 70.75
CA LEU B 183 61.02 2.82 71.04
CA SER B 184 58.23 4.30 68.93
CA ASP B 185 57.68 8.06 68.94
CA LEU B 186 54.51 8.25 71.07
CA GLU B 187 55.68 5.79 73.72
CA VAL B 188 58.57 7.12 75.81
CA GLU B 189 58.65 10.05 78.26
CA THR B 190 61.29 12.56 79.36
CA GLU B 191 61.21 15.19 82.14
CA PRO B 192 62.37 18.77 83.11
CA THR B 193 64.89 17.96 85.90
CA PRO B 194 67.93 20.31 86.57
CA GLY B 195 71.66 19.71 86.26
CA LYS B 196 74.44 21.79 84.65
CA LEU B 197 75.60 23.46 81.42
CA TYR B 198 79.30 23.97 80.86
CA THR B 199 80.65 26.46 78.32
CA LEU B 200 83.50 24.80 76.43
CA ARG B 201 85.45 26.98 73.98
CA TYR B 202 88.44 26.01 71.83
CA GLU B 203 90.92 26.18 68.91
CA VAL B 204 90.60 26.33 65.13
CA GLU B 205 93.05 25.72 62.24
CA GLY B 206 93.83 29.36 61.54
CA GLY B 207 91.99 31.16 64.30
CA GLY B 208 92.16 30.06 67.91
CA PHE B 209 88.74 30.24 69.53
CA ILE B 210 84.99 29.51 69.31
CA GLU B 211 82.21 29.18 71.92
CA ILE B 212 80.04 26.25 72.96
CA ALA B 213 77.41 25.37 75.66
CA THR B 214 77.07 21.55 75.93
CA VAL B 215 75.04 19.22 78.21
CA ARG B 216 77.34 16.15 77.86
CA PRO B 217 81.11 17.00 77.73
CA GLU B 218 82.11 13.35 77.41
CA THR B 219 80.56 12.98 73.96
CA VAL B 220 83.00 15.45 72.40
CA PHE B 221 84.63 12.43 70.76
CA ALA B 222 81.51 11.27 68.90
CA ASP B 223 81.65 14.73 67.33
CA GLN B 224 81.92 15.32 63.61
CA ALA B 225 81.21 18.99 63.12
CA ILE B 226 80.65 22.45 64.61
CA ALA B 227 77.59 24.30 63.34
CA VAL B 228 76.31 27.88 63.13
CA HIS B 229 73.23 29.40 61.50
CA PRO B 230 73.19 30.28 57.75
CA GLU B 231 72.32 33.87 58.62
CA ASP B 232 73.87 34.60 62.03
CA GLU B 233 77.11 36.32 60.96
CA ARG B 234 78.76 36.49 64.41
CA TYR B 235 80.59 33.35 63.21
CA ARG B 236 81.44 34.65 59.72
CA HIS B 237 85.14 34.04 59.06
CA LEU B 238 85.38 31.00 61.37
CA LEU B 239 82.99 29.00 59.18
CA GLY B 240 85.13 26.46 57.36
CA LYS B 241 88.57 25.66 58.82
CA ARG B 242 89.34 22.74 61.17
CA ALA B 243 88.51 22.31 64.87
CA ARG B 244 91.06 20.78 67.20
CA ILE B 245 88.73 19.58 69.95
CA PRO B 246 90.43 20.03 73.40
CA LEU B 247 93.00 17.59 74.79
CA THR B 248 92.81 15.24 71.76
CA GLU B 249 94.30 16.42 68.45
CA VAL B 250 91.68 15.59 65.82
CA TRP B 251 90.56 18.58 63.71
CA ILE B 252 86.93 19.07 62.63
CA PRO B 253 85.35 21.28 59.89
CA ILE B 254 83.05 23.99 61.28
CA LEU B 255 79.80 24.58 59.33
CA ALA B 256 76.25 26.01 59.51
CA ASP B 257 72.66 24.72 59.73
CA PRO B 258 69.10 26.33 59.91
CA ALA B 259 68.10 24.49 63.10
CA VAL B 260 70.62 26.36 65.27
CA GLU B 261 69.11 28.80 67.80
CA LYS B 262 71.68 31.55 67.09
CA ASP B 263 70.99 32.87 70.63
CA PHE B 264 71.49 30.47 73.53
CA GLY B 265 74.71 32.20 74.57
CA THR B 266 77.01 30.66 71.98
CA GLY B 267 75.70 30.32 68.39
CA ALA B 268 77.95 27.37 67.50
CA LEU B 269 77.10 23.92 68.87
CA LYS B 270 78.25 20.29 68.79
CA VAL B 271 77.42 17.50 66.36
CA THR B 272 77.27 14.08 68.02
CA PRO B 273 75.09 12.26 65.41
CA ALA B 274 75.54 8.85 67.02
CA HIS B 275 74.41 10.00 70.47
CA ASP B 276 71.86 12.69 69.57
CA PRO B 277 68.72 13.30 67.50
CA LEU B 278 69.42 16.92 66.66
CA ASP B 279 72.91 16.07 65.39
CA TYR B 280 72.32 12.87 63.38
CA GLU B 281 70.05 14.99 61.25
CA ILE B 282 72.44 17.88 60.61
CA GLY B 283 75.21 15.32 60.24
CA GLU B 284 73.65 13.28 57.44
CA ARG B 285 72.31 16.31 55.61
CA HIS B 286 76.08 16.62 55.21
CA GLY B 287 76.76 12.90 55.36
CA LEU B 288 78.86 13.26 58.48
CA LYS B 289 80.14 9.74 59.17
CA PRO B 290 78.95 8.67 62.65
CA VAL B 291 81.10 8.11 65.79
CA SER B 292 80.47 6.71 69.27
CA VAL B 293 82.07 7.61 72.61
CA ILE B 294 80.04 5.32 74.86
CA ASN B 295 79.03 1.70 74.27
CA LEU B 296 75.70 0.27 75.47
CA GLU B 297 77.05 -0.66 78.93
CA GLY B 298 76.73 2.98 80.09
CA ARG B 299 80.45 3.66 79.95
CA MET B 300 83.09 5.04 77.56
CA GLU B 301 85.18 3.36 74.81
CA GLY B 302 86.55 3.73 71.29
CA GLU B 303 89.59 5.34 69.71
CA ARG B 304 87.98 8.75 69.73
CA VAL B 305 87.56 8.30 73.49
CA PRO B 306 91.04 9.33 74.76
CA GLU B 307 93.15 6.99 76.91
CA ALA B 308 92.49 6.86 80.64
CA LEU B 309 89.01 8.41 80.20
CA ARG B 310 88.04 5.14 78.52
CA GLY B 311 86.22 3.16 81.21
CA LEU B 312 83.87 3.85 84.16
CA ASP B 313 80.28 5.17 84.08
CA ARG B 314 79.04 7.79 81.67
CA PHE B 315 78.39 10.37 84.38
CA GLU B 316 81.65 9.34 86.06
CA ALA B 317 83.87 9.91 83.04
CA ARG B 318 82.12 13.26 82.50
CA ARG B 319 83.07 14.58 85.93
CA LYS B 320 86.76 13.67 85.66
CA ALA B 321 86.83 14.99 82.10
CA VAL B 322 85.47 18.30 83.48
CA GLU B 323 88.73 18.96 85.35
CA LEU B 324 90.77 18.38 82.18
CA PHE B 325 88.91 21.22 80.47
CA ARG B 326 89.16 23.86 83.21
CA GLU B 327 92.66 22.69 84.15
CA ALA B 328 94.03 22.61 80.58
CA GLY B 329 92.39 25.78 79.20
CA HIS B 330 88.94 24.74 77.91
CA LEU B 331 86.02 25.39 80.32
CA VAL B 332 85.39 29.14 80.46
CA LYS B 333 82.13 29.19 82.34
CA GLU B 334 80.03 26.41 83.80
CA GLU B 335 76.60 26.77 85.45
CA ASP B 336 73.42 24.88 86.21
CA TYR B 337 70.65 24.13 83.74
CA THR B 338 67.24 22.50 83.10
CA ILE B 339 67.63 19.54 80.75
CA ALA B 340 64.72 17.47 79.59
CA LEU B 341 66.77 14.33 80.17
CA ALA B 342 65.18 11.19 78.74
CA THR B 343 63.88 8.74 81.34
CA CYS B 344 62.66 5.16 80.85
CA SER B 345 58.91 5.43 80.12
CA ARG B 346 58.68 2.22 82.13
CA CYS B 347 61.38 2.66 84.78
CA GLY B 348 63.27 5.92 84.65
CA THR B 349 67.01 5.44 84.14
CA PRO B 350 68.19 8.01 81.48
CA ILE B 351 68.04 7.14 77.80
CA GLU B 352 70.91 7.19 75.37
CA TYR B 353 70.69 7.18 71.57
CA ALA B 354 72.42 5.44 68.70
CA ILE B 355 71.81 3.91 65.31
CA PHE B 356 70.39 0.42 64.80
CA PRO B 357 69.50 -2.05 62.01
CA GLN B 358 65.70 -1.76 62.44
CA TRP B 359 63.00 -2.44 59.84
CA TRP B 360 60.56 0.26 58.75
CA LEU B 361 57.31 0.10 56.79
CA ARG B 362 56.91 2.53 53.90
CA MET B 363 53.75 4.14 55.37
CA ARG B 364 54.14 7.10 53.07
CA PRO B 365 52.22 5.53 50.18
CA LEU B 366 50.26 2.98 52.23
CA ALA B 367 48.86 5.84 54.27
CA GLU B 368 47.54 6.99 50.91
CA GLU B 369 45.14 4.29 49.70
CA VAL B 370 43.07 4.74 52.81
CA LEU B 371 42.94 8.53 52.59
CA LYS B 372 41.05 8.43 49.28
CA GLY B 373 38.96 5.81 51.01
CA LEU B 374 37.86 7.90 53.98
CA ARG B 375 37.49 10.53 51.28
CA ARG B 376 34.85 8.48 49.37
CA GLY B 377 32.55 8.36 52.38
CA ASP B 378 33.47 4.68 52.62
CA ILE B 379 33.80 5.00 56.42
CA ALA B 380 32.12 7.57 58.71
CA PHE B 381 32.78 8.38 62.39
CA VAL B 382 30.36 8.84 65.30
CA PRO B 383 31.62 12.04 66.92
CA GLU B 384 32.05 13.14 63.32
CA ARG B 385 34.83 15.35 64.53
CA TRP B 386 37.36 12.60 64.00
CA LYS B 387 36.94 12.27 60.26
CA LYS B 388 39.69 14.82 59.72
CA VAL B 389 41.55 13.82 62.87
CA ASN B 390 41.98 10.40 61.30
CA MET B 391 42.60 11.81 57.83
CA ASP B 392 45.17 14.22 59.23
CA TRP B 393 47.45 11.69 60.95
CA LEU B 394 47.28 10.15 57.49
CA GLU B 395 48.14 13.36 55.64
CA ASN B 396 51.69 12.53 56.76
CA VAL B 397 53.14 9.67 58.81
CA LYS B 398 56.82 8.51 58.84
CA ASP B 399 57.69 4.87 58.06
CA TRP B 400 56.56 3.49 61.40
CA ASN B 401 59.29 1.41 63.08
CA ILE B 402 58.35 -2.26 63.21
CA SER B 403 61.64 -3.58 64.65
CA ARG B 404 61.62 -4.42 68.34
CA GLN B 405 63.65 -6.47 70.82
CA LEU B 406 62.09 -8.89 73.33
CA TRP B 407 61.39 -12.61 73.32
CA TRP B 408 57.68 -12.56 74.02
CA GLY B 409 55.98 -11.58 70.75
CA HIS B 410 56.39 -12.55 67.09
CA GLN B 411 59.94 -12.80 65.77
CA ILE B 412 60.37 -11.41 62.24
CA PRO B 413 60.86 -13.81 59.28
CA ALA B 414 64.14 -12.30 58.11
CA TRP B 415 67.21 -14.50 57.87
CA TYR B 416 70.79 -13.28 57.49
CA CYS B 417 73.86 -14.96 56.06
CA GLU B 418 77.16 -14.93 57.97
CA ASP B 419 79.04 -14.23 54.75
CA CYS B 420 77.31 -11.80 52.36
CA GLN B 421 74.85 -10.71 55.08
CA ALA B 422 71.61 -10.83 53.10
CA VAL B 423 67.88 -11.12 53.84
CA ASN B 424 65.53 -13.99 52.98
CA VAL B 425 61.87 -12.99 53.25
CA PRO B 426 60.19 -16.20 52.13
CA ARG B 427 58.30 -15.71 48.90
CA PRO B 428 54.56 -15.06 49.73
CA GLU B 429 52.90 -17.87 47.75
CA ARG B 430 55.20 -19.95 50.04
CA TYR B 431 55.73 -17.95 53.26
CA LEU B 432 55.95 -20.75 55.81
CA GLU B 433 58.72 -22.10 53.58
CA ASP B 434 61.52 -21.44 56.07
CA PRO B 435 64.75 -20.23 54.44
CA THR B 436 67.49 -22.81 54.10
CA SER B 437 70.00 -21.78 51.42
CA CYS B 438 71.09 -18.16 50.98
CA GLU B 439 69.45 -17.35 47.62
CA ALA B 440 72.33 -14.89 47.08
CA CYS B 441 75.76 -16.18 48.14
CA GLY B 442 74.28 -19.66 48.48
CA SER B 443 75.94 -20.41 51.85
CA PRO B 444 73.62 -22.14 54.42
CA ARG B 445 75.32 -19.85 56.92
CA LEU B 446 71.95 -18.21 57.45
CA LYS B 447 71.09 -16.49 60.74
CA ARG B 448 67.60 -15.17 61.47
CA ASP B 449 66.81 -11.80 63.03
CA GLU B 450 66.13 -12.36 66.75
CA ASP B 451 63.94 -9.29 67.26
CA VAL B 452 60.15 -8.91 67.45
CA PHE B 453 57.24 -6.98 65.93
CA ASP B 454 55.84 -3.78 67.37
CA THR B 455 52.80 -5.36 69.09
CA TRP B 456 50.32 -3.16 67.19
CA PHE B 457 51.57 -4.64 63.91
CA SER B 458 49.69 -7.75 64.85
CA SER B 459 47.14 -5.42 66.41
CA ALA B 460 46.53 -3.93 62.95
CA LEU B 461 45.51 -7.22 61.38
CA TRP B 462 42.82 -7.82 64.02
CA PRO B 463 39.86 -7.27 61.73
CA LEU B 464 41.55 -9.93 59.65
CA SER B 465 43.56 -12.28 61.85
CA THR B 466 40.18 -12.81 63.45
CA LEU B 467 38.52 -14.42 60.48
CA GLY B 468 41.80 -16.24 59.83
CA TRP B 469 43.04 -13.78 57.21
CA PRO B 470 46.15 -15.78 56.42
CA GLU B 471 44.07 -18.20 54.36
CA GLU B 472 40.76 -18.00 52.53
CA THR B 473 37.74 -19.09 54.59
CA GLU B 474 34.07 -18.36 54.84
CA ASP B 475 34.07 -16.39 58.05
CA LEU B 476 36.41 -14.13 56.14
CA LYS B 477 34.10 -14.13 53.18
CA ALA B 478 30.96 -14.13 55.31
CA PHE B 479 31.58 -10.79 57.03
CA TYR B 480 35.04 -9.25 56.50
CA PRO B 481 33.92 -5.68 56.38
CA GLY B 482 33.49 -5.08 60.10
CA ASP B 483 30.33 -3.17 60.96
CA VAL B 484 31.05 -1.15 64.07
CA LEU B 485 34.45 -0.41 65.55
CA VAL B 486 34.14 0.44 69.24
CA THR B 487 37.03 2.09 71.01
CA GLY B 488 38.68 5.15 72.48
CA TYR B 489 40.43 7.83 70.46
CA ASP B 490 43.49 7.32 72.62
CA ILE B 491 44.20 4.17 70.69
CA LEU B 492 42.95 5.57 67.42
CA PHE B 493 46.27 6.32 65.80
CA LEU B 494 47.90 3.24 67.24
CA TRP B 495 45.00 1.08 66.05
CA VAL B 496 42.35 2.21 63.52
CA SER B 497 44.59 4.16 61.14
CA ARG B 498 46.99 1.21 61.32
CA MET B 499 44.08 -1.06 60.46
CA GLU B 500 42.24 1.16 58.01
CA VAL B 501 45.47 0.56 56.16
CA SER B 502 45.79 -3.21 56.66
CA GLY B 503 42.34 -3.25 55.18
CA TYR B 504 42.52 -0.92 52.19
CA HIS B 505 45.64 -2.83 51.27
CA PHE B 506 45.25 -6.47 52.16
CA MET B 507 41.58 -6.72 51.27
CA GLY B 508 41.31 -3.53 49.24
CA GLU B 509 38.18 -2.41 51.09
CA ARG B 510 37.36 -0.42 54.24
CA PRO B 511 37.88 -2.74 57.26
CA PHE B 512 34.74 -1.35 58.83
CA LYS B 513 31.73 0.83 58.06
CA THR B 514 31.20 3.04 61.14
CA VAL B 515 33.71 3.77 63.92
CA LEU B 516 32.56 4.65 67.42
CA LEU B 517 35.10 6.62 69.50
CA HIS B 518 34.18 7.08 73.17
CA GLY B 519 35.56 9.20 75.96
CA LEU B 520 37.81 8.12 78.81
CA VAL B 521 36.40 6.95 82.12
CA LEU B 522 38.74 8.55 84.63
CA ASP B 523 39.00 8.70 88.39
CA GLU B 524 36.64 11.25 89.88
CA LYS B 525 39.74 13.45 89.63
CA GLY B 526 40.44 13.78 85.90
CA GLN B 527 43.89 12.17 86.01
CA LYS B 528 43.67 9.26 83.57
CA MET B 529 42.61 5.97 85.06
CA SER B 530 45.40 3.64 83.93
CA LYS B 531 47.08 0.57 85.51
CA SER B 532 50.66 1.91 85.78
CA LYS B 533 49.88 5.07 87.87
CA GLY B 534 48.17 3.70 90.98
CA ASN B 535 44.75 5.36 90.44
CA VAL B 536 42.13 2.60 89.77
CA ILE B 537 38.54 1.59 90.74
CA ASP B 538 38.41 -2.20 90.19
CA PRO B 539 35.33 -3.20 88.09
CA LEU B 540 34.94 -6.64 89.62
CA GLU B 541 34.72 -4.90 92.97
CA MET B 542 31.88 -2.85 91.56
CA VAL B 543 29.80 -5.52 89.82
CA GLU B 544 29.65 -7.15 93.22
CA ARG B 545 29.20 -3.94 95.20
CA TYR B 546 26.61 -2.60 92.79
CA GLY B 547 25.74 -5.01 90.00
CA ALA B 548 27.08 -5.56 86.47
CA ASP B 549 23.64 -4.39 85.50
CA ALA B 550 23.95 -1.14 87.40
CA LEU B 551 27.61 -0.82 86.34
CA ARG B 552 26.69 -1.49 82.71
CA PHE B 553 24.13 1.26 82.83
CA ALA B 554 26.32 3.95 84.37
CA LEU B 555 29.05 4.25 81.76
CA ILE B 556 26.61 4.12 78.85
CA TYR B 557 24.66 6.73 80.71
CA LEU B 558 27.79 8.91 81.13
CA ALA B 559 29.16 8.17 77.65
CA THR B 560 27.64 11.34 76.08
CA GLY B 561 28.94 13.64 73.34
CA GLY B 562 31.71 11.05 72.94
CA GLN B 563 33.77 12.94 75.51
CA ASP B 564 35.51 11.72 78.67
CA ILE B 565 33.73 10.19 81.67
CA ARG B 566 34.42 11.12 85.28
CA LEU B 567 32.95 8.10 87.06
CA ASP B 568 31.26 8.55 90.39
CA LEU B 569 29.82 6.15 92.92
CA ARG B 570 27.09 8.81 92.81
CA TRP B 571 26.15 7.97 89.26
CA LEU B 572 26.90 4.38 90.13
CA GLU B 573 24.39 4.80 92.92
CA MET B 574 21.54 6.12 90.76
CA ALA B 575 22.29 3.01 88.80
CA ARG B 576 21.00 0.43 91.29
CA ASN B 577 18.16 2.83 92.23
CA PHE B 578 16.72 2.44 88.77
CA ALA B 579 17.19 -1.30 88.34
CA ASN B 580 15.78 -1.72 91.87
CA LYS B 581 13.10 0.92 91.38
CA LEU B 582 12.01 -1.29 88.49
CA TYR B 583 12.37 -4.55 90.38
CA ASN B 584 9.65 -3.10 92.58
CA ALA B 585 7.02 -2.35 89.96
CA ALA B 586 7.90 -5.70 88.46
CA ARG B 587 7.09 -7.56 91.68
CA PHE B 588 3.86 -5.55 92.25
CA VAL B 589 2.38 -6.33 88.81
CA LEU B 590 3.81 -9.82 89.14
CA LEU B 591 2.29 -9.73 92.62
CA SER B 592 -1.24 -8.44 91.91
CA ARG B 593 -1.59 -10.91 89.03
CA GLU B 594 -1.40 -13.48 91.86
CA GLY B 595 -4.96 -13.94 93.08
CA PHE B 596 -6.74 -11.09 91.27
CA GLN B 597 -10.40 -11.78 90.66
CA ALA B 598 -11.63 -11.03 87.14
CA LYS B 599 -14.37 -8.59 88.11
CA GLU B 600 -14.47 -6.04 85.30
CA ASP B 601 -12.51 -5.32 82.13
CA THR B 602 -12.84 -1.65 81.16
CA PRO B 603 -10.71 0.82 79.10
CA THR B 604 -9.45 3.61 81.40
CA LEU B 605 -7.41 6.66 80.59
CA ALA B 606 -4.54 5.45 82.72
CA ASP B 607 -4.57 2.27 80.61
CA ARG B 608 -4.53 3.76 77.10
CA PHE B 609 -2.04 6.56 77.89
CA MET B 610 0.37 3.79 78.81
CA ARG B 611 0.68 2.74 75.22
CA SER B 612 0.65 6.00 73.37
CA ARG B 613 3.69 6.75 75.51
CA LEU B 614 5.02 3.22 75.43
CA SER B 615 4.58 3.39 71.68
CA ARG B 616 6.56 6.56 71.18
CA GLY B 617 9.17 4.82 73.27
CA VAL B 618 9.89 1.87 70.98
CA GLU B 619 10.06 4.45 68.23
CA GLU B 620 11.94 7.33 69.93
CA ILE B 621 14.11 4.69 71.61
CA THR B 622 15.11 2.50 68.75
CA ALA B 623 15.85 5.50 66.50
CA LEU B 624 18.42 6.46 69.11
CA TYR B 625 19.78 2.99 69.77
CA GLU B 626 19.98 2.81 66.04
CA ALA B 627 21.85 6.11 65.46
CA LEU B 628 24.43 4.94 68.00
CA ASP B 629 23.81 7.29 70.92
CA LEU B 630 23.18 4.62 73.55
CA ALA B 631 24.24 7.49 75.80
CA GLN B 632 21.07 9.58 75.34
CA ALA B 633 19.34 6.38 74.33
CA ALA B 634 19.76 5.29 77.89
CA ARG B 635 18.51 8.29 79.87
CA GLU B 636 15.55 8.13 77.53
CA VAL B 637 14.60 4.66 78.67
CA TYR B 638 15.25 5.98 82.20
CA GLU B 639 12.47 8.49 81.72
CA LEU B 640 9.93 5.93 80.45
CA VAL B 641 10.69 3.44 83.23
CA TRP B 642 11.35 5.49 86.32
CA SER B 643 8.76 8.22 85.64
CA GLU B 644 6.42 7.15 82.82
CA PHE B 645 5.62 4.01 84.82
CA CYS B 646 6.53 3.66 88.50
CA ASP B 647 5.87 7.41 88.68
CA TRP B 648 2.51 7.48 86.90
CA TYR B 649 0.79 4.64 85.13
CA LEU B 650 1.69 1.89 87.57
CA GLU B 651 0.44 4.33 90.20
CA ALA B 652 -2.69 5.47 88.38
CA ALA B 653 -3.29 1.76 87.71
CA LYS B 654 -3.32 0.95 91.42
CA PRO B 655 -6.79 2.38 91.98
CA ALA B 656 -7.92 0.20 89.07
CA LEU B 657 -6.28 -3.05 90.19
CA LYS B 658 -8.11 -2.54 93.48
CA ALA B 659 -11.64 -2.22 92.13
CA GLY B 660 -10.90 -5.45 90.30
CA ASN B 661 -10.51 -4.07 86.79
CA ALA B 662 -8.93 -6.83 84.71
CA HIS B 663 -8.14 -4.56 81.75
CA THR B 664 -5.52 -2.67 83.68
CA LEU B 665 -3.63 -5.70 84.94
CA ARG B 666 -3.63 -6.77 81.28
CA THR B 667 -2.11 -3.46 80.30
CA LEU B 668 0.43 -3.79 83.13
CA GLU B 669 1.30 -7.37 82.23
CA GLU B 670 1.54 -6.40 78.54
CA VAL B 671 3.31 -3.06 79.01
CA LEU B 672 6.03 -4.04 81.48
CA ALA B 673 7.19 -7.01 79.43
CA VAL B 674 7.76 -4.64 76.54
CA LEU B 675 10.03 -2.34 78.62
CA LEU B 676 12.07 -5.28 79.75
CA LYS B 677 12.47 -5.77 75.99
CA LEU B 678 13.92 -2.26 75.54
CA LEU B 679 15.92 -2.22 78.72
CA HIS B 680 17.68 -5.61 78.44
CA PRO B 681 20.50 -4.03 76.40
CA MET B 682 21.54 -1.86 79.36
CA MET B 683 20.71 -4.42 82.07
CA PRO B 684 20.58 -8.10 81.01
CA PHE B 685 20.49 -10.49 84.01
CA LEU B 686 17.91 -8.41 85.95
CA THR B 687 15.60 -8.15 82.95
CA SER B 688 16.21 -11.78 82.18
CA GLU B 689 15.17 -12.86 85.66
CA LEU B 690 12.28 -10.36 85.58
CA TYR B 691 11.10 -10.91 82.03
CA GLN B 692 11.26 -14.61 82.72
CA ALA B 693 9.30 -14.38 85.96
CA LEU B 694 6.24 -12.80 84.28
CA THR B 695 6.48 -14.84 81.12
CA GLY B 696 8.27 -18.15 81.84
CA LYS B 697 10.14 -17.44 78.61
CA GLU B 698 13.33 -19.36 79.33
CA GLU B 699 15.44 -16.75 77.52
CA LEU B 700 14.77 -13.03 76.92
CA ALA B 701 18.21 -12.93 75.31
CA LEU B 702 16.53 -14.19 72.13
CA GLU B 703 13.18 -12.49 71.91
CA ALA B 704 12.14 -9.87 69.36
CA TRP B 705 12.79 -6.16 69.49
CA PRO B 706 9.38 -4.60 69.93
CA GLU B 707 7.86 -2.73 67.03
CA PRO B 708 5.82 0.38 67.88
CA GLY B 709 2.10 0.65 67.30
CA GLY B 710 0.01 3.80 67.41
CA ARG B 711 -0.16 7.36 68.71
CA ASP B 712 -2.94 9.54 70.16
CA GLU B 713 -2.28 13.29 70.23
CA GLU B 714 -5.47 13.96 72.14
CA ALA B 715 -5.64 11.01 74.53
CA GLU B 716 -2.12 11.96 75.54
CA ARG B 717 -3.26 15.60 75.31
CA ALA B 718 -5.83 14.64 77.91
CA PHE B 719 -3.83 12.72 80.52
CA GLU B 720 -1.27 15.46 81.08
CA ALA B 721 -4.19 17.78 81.96
CA LEU B 722 -4.35 15.44 84.93
CA LYS B 723 -0.61 15.85 85.60
CA GLN B 724 -0.69 19.66 85.37
CA ALA B 725 -3.50 19.32 87.92
CA VAL B 726 -1.85 16.51 89.84
CA THR B 727 1.45 18.26 90.27
CA ALA B 728 -0.06 21.76 90.66
CA VAL B 729 -1.77 20.33 93.70
CA ARG B 730 1.33 18.51 94.99
CA ALA B 731 3.05 21.81 94.35
CA LEU B 732 0.72 24.08 96.28
CA LYS B 733 1.39 21.67 99.17
CA ALA B 734 5.14 22.05 99.43
CA GLU B 735 4.62 25.79 99.56
CA ALA B 736 2.05 25.41 102.32
CA GLY B 737 4.13 23.02 104.42
CA LEU B 738 1.35 20.42 104.46
CA PRO B 739 2.19 16.71 104.91
CA PRO B 740 2.32 14.36 101.89
CA ALA B 741 -0.39 11.72 102.36
CA GLN B 742 -2.88 14.36 103.56
CA GLU B 743 -6.44 15.04 102.39
CA VAL B 744 -7.17 18.36 100.70
CA ARG B 745 -10.18 20.04 99.10
CA VAL B 746 -9.12 21.51 95.77
CA TYR B 747 -10.35 23.67 92.92
CA LEU B 748 -9.29 23.13 89.31
CA GLU B 749 -9.72 25.41 86.30
CA GLY B 750 -9.36 24.95 82.51
CA GLU B 751 -8.98 21.61 80.75
CA THR B 752 -10.04 20.01 84.02
CA ALA B 753 -12.26 17.46 82.26
CA PRO B 754 -9.66 14.63 82.55
CA VAL B 755 -9.55 15.19 86.29
CA GLU B 756 -13.35 14.74 86.39
CA GLU B 757 -13.93 11.63 84.31
CA ASN B 758 -11.08 10.11 86.36
CA LEU B 759 -11.83 11.45 89.83
CA GLU B 760 -11.02 8.16 91.53
CA VAL B 761 -7.31 8.39 90.79
CA PHE B 762 -7.11 12.16 90.66
CA ARG B 763 -7.80 11.64 94.31
CA PHE B 764 -5.40 8.76 94.73
CA LEU B 765 -2.45 10.59 93.26
CA SER B 766 -2.98 14.11 94.60
CA ARG B 767 -4.33 12.58 97.81
CA ALA B 768 -6.86 15.40 97.39
CA ASP B 769 -10.59 15.52 96.56
CA LEU B 770 -12.35 18.26 94.64
CA LEU B 771 -14.70 21.09 95.65
CA PRO B 772 -17.89 21.95 93.65
CA GLU B 773 -17.73 25.72 93.66
CA ARG B 774 -14.69 27.95 93.30
CA PRO B 775 -13.29 29.34 96.54
CA ALA B 776 -12.52 33.07 96.21
CA LYS B 777 -10.07 32.59 99.09
CA ALA B 778 -7.29 30.06 98.50
CA LEU B 779 -3.64 29.65 97.43
CA VAL B 780 -2.55 29.87 93.77
CA LYS B 781 -0.60 27.58 91.43
CA ALA B 782 -1.68 28.00 87.82
CA MET B 783 -0.13 25.85 85.08
CA PRO B 784 0.28 26.37 81.35
CA ARG B 785 -3.08 24.68 80.77
CA VAL B 786 -4.61 24.45 84.27
CA THR B 787 -4.58 25.95 87.76
CA ALA B 788 -5.53 24.75 91.22
CA ARG B 789 -6.77 27.13 93.87
CA MET B 790 -6.48 25.24 97.17
CA PRO B 791 -8.67 26.60 100.04
CA LEU B 792 -6.95 27.71 103.25
CA GLU B 793 -9.09 24.95 104.86
CA GLY B 794 -9.03 19.59 109.14
CA LEU B 795 -7.67 22.43 111.32
CA LEU B 796 -4.23 24.21 110.90
CA ASP B 797 -2.67 27.24 112.64
CA VAL B 798 -3.61 30.07 110.27
CA GLU B 799 -1.72 32.47 112.53
CA GLU B 800 1.32 30.31 113.37
CA TRP B 801 1.72 30.02 109.62
CA ARG B 802 0.81 33.59 108.86
CA ARG B 803 3.70 34.21 111.31
CA ARG B 804 5.95 31.22 110.46
CA GLN B 805 6.11 32.93 107.04
CA GLU B 806 5.52 36.56 107.98
CA LYS B 807 8.63 36.50 110.20
CA ARG B 808 10.37 34.20 107.68
CA LEU B 809 10.00 37.07 105.20
CA LYS B 810 11.81 39.92 106.96
CA GLU B 811 14.78 37.57 107.38
CA LEU B 812 15.34 37.32 103.64
CA LEU B 813 15.20 40.94 102.45
CA ALA B 814 17.79 41.37 105.18
CA LEU B 815 20.13 38.61 104.00
CA ALA B 816 19.14 40.07 100.67
CA GLU B 817 19.95 43.66 101.60
CA ARG B 818 23.35 42.52 102.83
CA SER B 819 24.34 40.56 99.71
CA GLN B 820 23.64 43.54 97.43
CA ARG B 821 25.75 46.21 99.23
CA LYS B 822 28.81 43.95 99.37
CA LEU B 823 28.58 43.34 95.65
CA ALA B 824 27.68 46.94 94.78
CA SER B 825 30.31 48.02 97.35
CA PRO B 826 33.86 49.52 97.06
CA GLY B 827 36.60 47.34 95.57
CA PHE B 828 34.40 44.31 95.79
CA ARG B 829 32.19 44.93 92.71
CA GLU B 830 35.27 44.77 90.49
CA LYS B 831 38.47 44.22 92.45
CA ALA B 832 36.79 41.13 93.80
CA PRO B 833 37.28 37.57 92.33
CA LYS B 834 34.90 36.58 89.53
CA GLU B 835 33.72 33.76 91.77
CA VAL B 836 32.48 34.53 95.31
CA VAL B 837 31.52 37.89 93.81
CA GLU B 838 28.83 36.34 91.60
CA ALA B 839 28.22 33.94 94.47
CA GLU B 840 26.89 36.47 96.95
CA GLU B 841 25.38 37.70 93.71
CA ALA B 842 23.91 34.30 92.82
CA ARG B 843 22.40 34.35 96.27
CA LEU B 844 21.02 37.92 96.10
CA LYS B 845 18.86 36.56 93.33
CA GLU B 846 17.10 33.54 94.81
CA ASN B 847 16.56 35.64 97.89
CA LEU B 848 14.40 38.27 96.21
CA GLU B 849 12.42 35.36 94.72
CA GLN B 850 11.84 33.36 97.88
CA ALA B 851 10.64 36.76 98.95
CA GLU B 852 7.98 36.90 96.22
CA ARG B 853 6.81 33.31 96.71
CA ILE B 854 6.41 33.75 100.48
CA ARG B 855 4.96 37.17 99.69
CA GLU B 856 1.89 36.01 97.73
CA ALA B 857 1.51 32.79 99.71
CA LEU B 858 0.91 35.29 102.50
CA SER B 859 -0.67 37.79 100.11
CA GLN B 860 -3.32 35.56 98.50
CA ILE B 861 -3.96 33.32 101.54
CA GLY B 862 -6.61 34.89 103.74
#